data_6U32
#
_entry.id   6U32
#
_cell.length_a   62.530
_cell.length_b   62.530
_cell.length_c   164.169
_cell.angle_alpha   90.000
_cell.angle_beta   90.000
_cell.angle_gamma   90.000
#
_symmetry.space_group_name_H-M   'P 43 21 2'
#
loop_
_entity.id
_entity.type
_entity.pdbx_description
1 polymer HaloTag
2 non-polymer 9-[2-carboxy-5-({2-[2-(hexyloxy)ethoxy]ethyl}carbamoyl)phenyl]-6-(dimethylamino)-N,N-dimethyl-3H-xanthen-3-iminium
3 non-polymer 'CHLORIDE ION'
4 water water
#
_entity_poly.entity_id   1
_entity_poly.type   'polypeptide(L)'
_entity_poly.pdbx_seq_one_letter_code
;MAEIGTGFPFDPHYVEVLGERMHYVDVGPRDGTPVLFLHGNPTSSYVWRNIIPHVAPTHRCIAPDLIGMGKSDKPDLGYF
FDDHVRFMDAFIEALGLEEVVLVIHDWGSALGFHWAKRNPERVKGIAFMEFIRPIPTWDEWPEFARETFQAFRTTDVGRK
LIIDQNVFIEGTLPMGVVRPLTEVEMDHYREPFLNPVDREPLWRFPNELPIAGEPANIVALVEEYMDWLHQSPVPKLLFW
GTPGVLIPPAEAARLAKSLPNCKAVDIGPGLNLLQEDNPDLIGSEIARWLSTLEISG
;
_entity_poly.pdbx_strand_id   A
#
# COMPACT_ATOMS: atom_id res chain seq x y z
N ILE A 4 -3.76 -9.45 18.58
CA ILE A 4 -3.97 -8.82 17.22
C ILE A 4 -5.30 -9.26 16.58
N GLY A 5 -6.21 -8.32 16.27
CA GLY A 5 -7.59 -8.65 15.89
C GLY A 5 -7.54 -9.30 14.43
N THR A 6 -8.30 -10.34 14.25
CA THR A 6 -8.53 -10.94 12.94
C THR A 6 -9.85 -10.50 12.27
N GLY A 7 -10.70 -9.84 13.03
CA GLY A 7 -12.03 -9.41 12.57
C GLY A 7 -11.90 -8.17 11.64
N PHE A 8 -12.91 -8.00 10.81
CA PHE A 8 -13.08 -6.81 9.94
C PHE A 8 -14.45 -6.20 10.18
N PRO A 9 -14.63 -5.47 11.29
CA PRO A 9 -16.01 -5.08 11.74
C PRO A 9 -16.50 -3.84 11.06
N PHE A 10 -16.36 -3.72 9.72
CA PHE A 10 -16.73 -2.52 8.98
C PHE A 10 -17.79 -2.90 7.95
N ASP A 11 -18.86 -2.14 7.91
CA ASP A 11 -19.87 -2.35 6.83
C ASP A 11 -19.30 -2.09 5.43
N PRO A 12 -19.60 -2.99 4.47
CA PRO A 12 -19.19 -2.73 3.06
C PRO A 12 -19.86 -1.52 2.42
N HIS A 13 -19.09 -0.62 1.82
CA HIS A 13 -19.70 0.42 0.95
C HIS A 13 -19.15 0.14 -0.47
N TYR A 14 -19.93 0.55 -1.48
CA TYR A 14 -19.55 0.41 -2.91
C TYR A 14 -19.79 1.68 -3.68
N VAL A 15 -18.94 1.98 -4.62
CA VAL A 15 -19.15 3.13 -5.52
C VAL A 15 -18.83 2.64 -6.90
N GLU A 16 -19.63 3.09 -7.87
CA GLU A 16 -19.41 2.76 -9.23
C GLU A 16 -18.28 3.67 -9.72
N VAL A 17 -17.30 3.11 -10.37
CA VAL A 17 -16.11 3.77 -10.86
C VAL A 17 -15.78 3.21 -12.27
N LEU A 18 -15.89 4.05 -13.32
CA LEU A 18 -15.58 3.63 -14.68
C LEU A 18 -16.37 2.40 -15.08
N GLY A 19 -17.60 2.35 -14.64
CA GLY A 19 -18.40 1.22 -15.02
C GLY A 19 -18.11 -0.08 -14.24
N GLU A 20 -17.36 -0.04 -13.14
CA GLU A 20 -17.10 -1.20 -12.38
C GLU A 20 -17.53 -0.81 -11.01
N ARG A 21 -17.42 -1.66 -10.03
CA ARG A 21 -17.67 -1.26 -8.70
C ARG A 21 -16.45 -1.48 -7.80
N MET A 22 -16.12 -0.51 -6.93
CA MET A 22 -15.15 -0.68 -5.93
C MET A 22 -15.73 -0.72 -4.53
N HIS A 23 -15.18 -1.60 -3.72
CA HIS A 23 -15.57 -1.76 -2.31
C HIS A 23 -14.68 -0.78 -1.48
N TYR A 24 -15.22 -0.19 -0.42
CA TYR A 24 -14.43 0.64 0.48
C TYR A 24 -15.09 0.64 1.90
N VAL A 25 -14.23 0.77 2.92
CA VAL A 25 -14.59 1.09 4.33
C VAL A 25 -14.71 2.64 4.36
N ASP A 26 -15.65 3.13 5.14
CA ASP A 26 -15.84 4.56 5.31
C ASP A 26 -16.36 4.77 6.70
N VAL A 27 -15.46 5.07 7.68
CA VAL A 27 -15.93 5.19 9.09
C VAL A 27 -15.40 6.47 9.66
N GLY A 28 -15.87 6.80 10.85
CA GLY A 28 -15.43 8.03 11.50
C GLY A 28 -16.33 9.18 11.17
N PRO A 29 -15.99 10.36 11.69
CA PRO A 29 -16.88 11.47 11.53
C PRO A 29 -16.96 11.96 10.09
N ARG A 30 -18.11 12.54 9.72
CA ARG A 30 -18.37 12.99 8.25
C ARG A 30 -17.63 14.25 7.85
N ASP A 31 -17.23 15.04 8.80
CA ASP A 31 -16.60 16.26 8.46
C ASP A 31 -15.10 16.15 8.67
N GLY A 32 -14.41 17.24 8.37
CA GLY A 32 -12.99 17.34 8.52
C GLY A 32 -12.29 16.64 7.35
N THR A 33 -10.96 16.58 7.44
CA THR A 33 -10.14 16.09 6.37
C THR A 33 -10.12 14.56 6.48
N PRO A 34 -10.45 13.85 5.39
CA PRO A 34 -10.45 12.42 5.50
C PRO A 34 -9.08 11.83 5.46
N VAL A 35 -8.91 10.61 5.97
CA VAL A 35 -7.68 9.89 5.86
C VAL A 35 -7.96 8.70 4.91
N LEU A 36 -7.15 8.66 3.87
CA LEU A 36 -7.31 7.72 2.76
C LEU A 36 -6.23 6.69 2.89
N PHE A 37 -6.62 5.48 3.16
CA PHE A 37 -5.69 4.32 3.38
C PHE A 37 -5.60 3.44 2.11
N LEU A 38 -4.41 3.30 1.53
CA LEU A 38 -4.21 2.60 0.28
C LEU A 38 -3.33 1.40 0.58
N HIS A 39 -3.88 0.19 0.40
CA HIS A 39 -3.15 -1.08 0.49
C HIS A 39 -2.34 -1.41 -0.84
N GLY A 40 -1.60 -2.52 -0.79
CA GLY A 40 -0.81 -2.95 -1.87
C GLY A 40 -1.04 -4.40 -2.16
N ASN A 41 0.03 -5.06 -2.63
CA ASN A 41 0.01 -6.45 -3.09
C ASN A 41 0.47 -7.37 -1.98
N PRO A 42 -0.20 -8.43 -1.59
CA PRO A 42 -1.46 -8.95 -2.18
C PRO A 42 -2.56 -8.78 -1.18
N THR A 43 -2.70 -7.59 -0.64
CA THR A 43 -3.67 -7.37 0.42
C THR A 43 -4.91 -6.69 -0.06
N SER A 44 -5.62 -6.11 0.87
CA SER A 44 -6.80 -5.41 0.68
C SER A 44 -6.97 -4.40 1.81
N SER A 45 -8.14 -3.79 1.90
CA SER A 45 -8.44 -3.04 3.10
C SER A 45 -8.30 -3.78 4.36
N TYR A 46 -8.41 -5.10 4.35
CA TYR A 46 -8.15 -5.92 5.49
C TYR A 46 -6.82 -5.60 6.20
N VAL A 47 -5.80 -5.19 5.51
CA VAL A 47 -4.51 -4.93 6.07
C VAL A 47 -4.57 -3.75 7.11
N TRP A 48 -5.57 -2.88 6.93
CA TRP A 48 -5.76 -1.71 7.78
C TRP A 48 -6.64 -1.90 9.02
N ARG A 49 -7.14 -3.10 9.21
CA ARG A 49 -8.27 -3.33 10.15
C ARG A 49 -7.91 -2.97 11.59
N ASN A 50 -6.64 -3.04 11.99
CA ASN A 50 -6.25 -2.84 13.34
C ASN A 50 -5.59 -1.44 13.44
N ILE A 51 -5.58 -0.68 12.36
CA ILE A 51 -5.06 0.66 12.36
C ILE A 51 -6.15 1.72 12.32
N ILE A 52 -7.19 1.45 11.56
CA ILE A 52 -8.29 2.34 11.45
C ILE A 52 -8.99 2.66 12.76
N PRO A 53 -9.21 1.68 13.60
CA PRO A 53 -10.02 1.96 14.86
C PRO A 53 -9.27 2.99 15.80
N HIS A 54 -7.98 3.14 15.66
CA HIS A 54 -7.25 4.20 16.36
C HIS A 54 -7.39 5.64 15.82
N VAL A 55 -7.70 5.73 14.53
CA VAL A 55 -7.86 6.98 13.81
C VAL A 55 -9.22 7.40 13.72
N ALA A 56 -10.14 6.46 13.53
CA ALA A 56 -11.58 6.78 13.41
C ALA A 56 -12.32 7.63 14.49
N PRO A 57 -11.83 7.63 15.73
CA PRO A 57 -12.50 8.51 16.70
C PRO A 57 -12.41 9.96 16.28
N THR A 58 -11.31 10.38 15.65
CA THR A 58 -11.15 11.76 15.39
C THR A 58 -11.26 12.12 13.86
N HIS A 59 -11.06 11.13 12.97
CA HIS A 59 -11.01 11.41 11.53
C HIS A 59 -11.83 10.35 10.75
N ARG A 60 -12.38 10.82 9.61
CA ARG A 60 -12.96 9.99 8.65
C ARG A 60 -11.94 9.11 8.07
N CYS A 61 -12.14 7.80 8.05
CA CYS A 61 -11.19 6.84 7.47
C CYS A 61 -11.84 6.15 6.29
N ILE A 62 -11.19 6.26 5.15
CA ILE A 62 -11.67 5.67 3.88
C ILE A 62 -10.58 4.71 3.42
N ALA A 63 -10.96 3.46 3.21
CA ALA A 63 -10.02 2.44 2.83
C ALA A 63 -10.61 1.62 1.67
N PRO A 64 -10.24 1.98 0.41
CA PRO A 64 -10.75 1.19 -0.75
C PRO A 64 -9.95 -0.12 -0.90
N ASP A 65 -10.60 -1.07 -1.59
CA ASP A 65 -9.95 -2.21 -2.19
C ASP A 65 -9.64 -1.82 -3.64
N LEU A 66 -8.33 -1.88 -3.97
CA LEU A 66 -7.91 -1.68 -5.37
C LEU A 66 -8.74 -2.57 -6.31
N ILE A 67 -8.95 -1.98 -7.51
CA ILE A 67 -9.63 -2.69 -8.59
C ILE A 67 -8.92 -4.07 -8.80
N GLY A 68 -9.78 -5.11 -8.92
CA GLY A 68 -9.19 -6.50 -9.02
C GLY A 68 -8.89 -7.18 -7.75
N MET A 69 -9.02 -6.48 -6.61
CA MET A 69 -8.60 -6.98 -5.31
C MET A 69 -9.77 -6.90 -4.33
N GLY A 70 -9.54 -7.52 -3.21
CA GLY A 70 -10.52 -7.44 -2.11
C GLY A 70 -11.92 -7.84 -2.55
N LYS A 71 -12.86 -6.96 -2.23
CA LYS A 71 -14.24 -7.10 -2.63
C LYS A 71 -14.63 -6.21 -3.80
N SER A 72 -13.64 -5.55 -4.40
CA SER A 72 -13.92 -4.75 -5.58
C SER A 72 -14.09 -5.71 -6.82
N ASP A 73 -14.68 -5.16 -7.84
CA ASP A 73 -14.89 -5.92 -9.05
C ASP A 73 -13.60 -6.37 -9.68
N LYS A 74 -13.73 -7.41 -10.50
CA LYS A 74 -12.62 -8.10 -11.09
C LYS A 74 -12.69 -8.17 -12.64
N PRO A 75 -12.73 -6.99 -13.32
CA PRO A 75 -12.78 -6.95 -14.80
C PRO A 75 -11.55 -7.58 -15.39
N ASP A 76 -11.68 -7.96 -16.66
CA ASP A 76 -10.62 -8.80 -17.30
C ASP A 76 -9.57 -7.85 -17.83
N LEU A 77 -8.80 -7.25 -16.93
CA LEU A 77 -7.74 -6.30 -17.27
C LEU A 77 -6.41 -6.91 -17.23
N GLY A 78 -5.39 -6.17 -17.65
CA GLY A 78 -4.06 -6.58 -17.34
C GLY A 78 -3.51 -6.16 -15.89
N TYR A 79 -4.17 -5.19 -15.26
CA TYR A 79 -3.88 -4.67 -13.89
C TYR A 79 -2.47 -4.11 -13.85
N PHE A 80 -2.13 -3.41 -14.92
CA PHE A 80 -0.91 -2.60 -14.96
C PHE A 80 -1.10 -1.50 -13.87
N PHE A 81 -0.02 -0.89 -13.53
CA PHE A 81 -0.10 0.24 -12.58
C PHE A 81 -0.98 1.37 -13.17
N ASP A 82 -0.87 1.67 -14.48
CA ASP A 82 -1.72 2.63 -15.15
C ASP A 82 -3.17 2.31 -14.91
N ASP A 83 -3.51 1.05 -14.94
CA ASP A 83 -4.94 0.69 -14.73
C ASP A 83 -5.38 1.14 -13.26
N HIS A 84 -4.55 0.73 -12.29
CA HIS A 84 -4.79 1.10 -10.88
C HIS A 84 -4.89 2.60 -10.74
N VAL A 85 -4.03 3.36 -11.45
CA VAL A 85 -4.07 4.82 -11.44
C VAL A 85 -5.42 5.39 -11.88
N ARG A 86 -5.88 4.85 -13.00
CA ARG A 86 -7.13 5.28 -13.53
C ARG A 86 -8.28 5.02 -12.60
N PHE A 87 -8.29 3.86 -12.03
CA PHE A 87 -9.41 3.50 -11.13
C PHE A 87 -9.33 4.30 -9.79
N MET A 88 -8.12 4.48 -9.24
CA MET A 88 -7.98 5.20 -7.99
C MET A 88 -8.28 6.70 -8.20
N ASP A 89 -7.88 7.32 -9.32
CA ASP A 89 -8.25 8.69 -9.56
C ASP A 89 -9.73 8.84 -9.56
N ALA A 90 -10.39 7.92 -10.28
CA ALA A 90 -11.82 7.94 -10.41
C ALA A 90 -12.56 7.66 -9.08
N PHE A 91 -12.08 6.73 -8.28
CA PHE A 91 -12.62 6.48 -6.90
C PHE A 91 -12.63 7.77 -6.05
N ILE A 92 -11.49 8.47 -6.05
CA ILE A 92 -11.33 9.74 -5.27
C ILE A 92 -12.29 10.83 -5.75
N GLU A 93 -12.47 10.93 -7.05
CA GLU A 93 -13.48 11.87 -7.53
C GLU A 93 -14.88 11.42 -7.27
N ALA A 94 -15.15 10.13 -7.36
CA ALA A 94 -16.49 9.66 -7.19
C ALA A 94 -16.91 9.88 -5.74
N LEU A 95 -16.01 9.86 -4.76
CA LEU A 95 -16.43 10.18 -3.43
C LEU A 95 -16.45 11.71 -3.10
N GLY A 96 -16.06 12.56 -4.03
CA GLY A 96 -16.07 13.99 -3.84
C GLY A 96 -14.94 14.42 -2.96
N LEU A 97 -13.83 13.69 -2.85
CA LEU A 97 -12.85 14.11 -1.90
C LEU A 97 -12.15 15.33 -2.35
N GLU A 98 -11.91 16.26 -1.43
CA GLU A 98 -11.22 17.50 -1.79
C GLU A 98 -9.81 17.38 -1.23
N GLU A 99 -9.52 17.78 0.02
CA GLU A 99 -8.20 17.58 0.59
C GLU A 99 -8.17 16.28 1.37
N VAL A 100 -7.03 15.58 1.43
CA VAL A 100 -6.93 14.34 2.20
C VAL A 100 -5.66 14.26 2.92
N VAL A 101 -5.61 13.37 3.88
CA VAL A 101 -4.39 12.88 4.40
C VAL A 101 -4.20 11.43 3.85
N LEU A 102 -3.02 11.10 3.35
CA LEU A 102 -2.80 9.78 2.78
C LEU A 102 -2.06 8.87 3.74
N VAL A 103 -2.51 7.61 3.87
CA VAL A 103 -1.78 6.54 4.65
C VAL A 103 -1.59 5.41 3.68
N ILE A 104 -0.35 5.14 3.31
CA ILE A 104 -0.12 4.34 2.13
C ILE A 104 1.00 3.35 2.33
N HIS A 105 0.91 2.22 1.60
CA HIS A 105 1.79 1.07 1.78
C HIS A 105 2.04 0.28 0.44
N ASP A 106 3.29 -0.12 0.17
CA ASP A 106 3.59 -0.99 -0.96
C ASP A 106 3.03 -0.34 -2.26
N TRP A 107 2.18 -1.03 -3.08
CA TRP A 107 1.72 -0.41 -4.34
C TRP A 107 0.77 0.75 -4.05
N GLY A 108 0.04 0.69 -2.92
CA GLY A 108 -0.77 1.86 -2.53
C GLY A 108 0.03 3.16 -2.37
N SER A 109 1.26 3.03 -1.97
CA SER A 109 2.22 4.16 -1.89
C SER A 109 2.54 4.73 -3.27
N ALA A 110 2.74 3.84 -4.26
CA ALA A 110 2.99 4.39 -5.66
C ALA A 110 1.76 5.15 -6.12
N LEU A 111 0.59 4.61 -5.84
CA LEU A 111 -0.64 5.32 -6.12
C LEU A 111 -0.76 6.63 -5.40
N GLY A 112 -0.49 6.61 -4.11
CA GLY A 112 -0.71 7.82 -3.31
C GLY A 112 0.31 8.91 -3.66
N PHE A 113 1.57 8.52 -3.86
CA PHE A 113 2.60 9.54 -4.20
C PHE A 113 2.38 10.10 -5.57
N HIS A 114 1.91 9.24 -6.50
CA HIS A 114 1.68 9.69 -7.87
C HIS A 114 0.48 10.60 -7.91
N TRP A 115 -0.52 10.38 -7.03
CA TRP A 115 -1.63 11.27 -6.93
C TRP A 115 -1.23 12.65 -6.36
N ALA A 116 -0.42 12.55 -5.37
CA ALA A 116 -0.05 13.78 -4.55
C ALA A 116 0.75 14.68 -5.45
N LYS A 117 1.61 14.06 -6.25
CA LYS A 117 2.47 14.86 -7.18
C LYS A 117 1.57 15.69 -8.12
N ARG A 118 0.50 15.06 -8.60
CA ARG A 118 -0.44 15.66 -9.55
C ARG A 118 -1.45 16.55 -8.88
N ASN A 119 -1.66 16.39 -7.54
CA ASN A 119 -2.66 17.15 -6.87
C ASN A 119 -2.10 17.73 -5.53
N PRO A 120 -0.97 18.41 -5.63
CA PRO A 120 -0.22 18.75 -4.43
C PRO A 120 -1.00 19.66 -3.43
N GLU A 121 -1.95 20.47 -3.91
CA GLU A 121 -2.72 21.38 -3.07
C GLU A 121 -3.79 20.61 -2.28
N ARG A 122 -4.10 19.37 -2.62
CA ARG A 122 -5.06 18.59 -1.91
C ARG A 122 -4.45 17.56 -0.94
N VAL A 123 -3.13 17.58 -0.74
CA VAL A 123 -2.57 16.57 0.14
C VAL A 123 -2.07 17.29 1.46
N LYS A 124 -2.69 17.05 2.62
CA LYS A 124 -2.35 17.79 3.86
C LYS A 124 -1.30 17.04 4.72
N GLY A 125 -1.08 15.75 4.44
CA GLY A 125 -0.05 14.96 5.09
C GLY A 125 0.02 13.61 4.36
N ILE A 126 1.16 12.93 4.56
CA ILE A 126 1.34 11.59 4.07
C ILE A 126 2.06 10.73 5.04
N ALA A 127 1.40 9.67 5.50
CA ALA A 127 2.09 8.62 6.29
C ALA A 127 2.34 7.43 5.39
N PHE A 128 3.53 6.88 5.42
CA PHE A 128 3.90 5.84 4.42
C PHE A 128 4.83 4.85 5.07
N MET A 129 4.88 3.69 4.46
CA MET A 129 5.63 2.57 4.99
C MET A 129 5.88 1.57 3.95
N GLU A 130 7.08 0.92 3.94
CA GLU A 130 7.37 -0.17 2.93
C GLU A 130 6.83 0.25 1.55
N PHE A 131 7.34 1.34 1.06
CA PHE A 131 6.87 2.01 -0.07
C PHE A 131 7.72 1.74 -1.36
N ILE A 132 7.12 2.11 -2.51
CA ILE A 132 7.72 1.77 -3.81
C ILE A 132 8.71 2.89 -4.08
N ARG A 133 9.95 2.52 -4.17
CA ARG A 133 11.03 3.38 -4.71
C ARG A 133 11.85 2.61 -5.73
N PRO A 134 12.69 3.30 -6.50
CA PRO A 134 13.45 2.56 -7.50
C PRO A 134 14.52 1.74 -6.78
N ILE A 135 14.69 0.49 -7.16
CA ILE A 135 15.62 -0.45 -6.61
C ILE A 135 16.67 -0.49 -7.68
N PRO A 136 17.82 0.14 -7.47
CA PRO A 136 18.66 0.36 -8.58
C PRO A 136 19.32 -0.85 -9.21
N THR A 137 19.63 -1.86 -8.39
CA THR A 137 20.11 -3.15 -8.86
C THR A 137 19.42 -4.21 -8.07
N TRP A 138 19.47 -5.43 -8.56
CA TRP A 138 18.99 -6.61 -7.78
C TRP A 138 19.67 -6.87 -6.43
N ASP A 139 20.99 -6.58 -6.34
CA ASP A 139 21.63 -6.47 -5.01
C ASP A 139 20.92 -5.64 -3.97
N GLU A 140 20.18 -4.59 -4.31
CA GLU A 140 19.42 -3.82 -3.28
C GLU A 140 18.01 -4.46 -3.05
N TRP A 141 17.67 -5.59 -3.67
CA TRP A 141 16.51 -6.38 -3.22
C TRP A 141 17.03 -7.34 -2.12
N PRO A 142 16.29 -7.58 -1.04
CA PRO A 142 16.85 -8.52 -0.03
C PRO A 142 17.15 -9.91 -0.49
N GLU A 143 18.29 -10.40 -0.04
CA GLU A 143 18.85 -11.62 -0.58
C GLU A 143 17.87 -12.76 -0.37
N PHE A 144 17.18 -12.80 0.73
CA PHE A 144 16.35 -13.98 0.99
C PHE A 144 15.18 -14.14 0.04
N ALA A 145 14.77 -13.04 -0.59
CA ALA A 145 13.58 -13.03 -1.45
C ALA A 145 13.97 -12.83 -2.91
N ARG A 146 15.27 -12.65 -3.20
CA ARG A 146 15.77 -12.30 -4.50
C ARG A 146 15.44 -13.31 -5.65
N GLU A 147 15.78 -14.59 -5.42
CA GLU A 147 15.60 -15.63 -6.39
C GLU A 147 14.07 -15.71 -6.77
N THR A 148 13.21 -15.69 -5.76
CA THR A 148 11.78 -15.86 -5.92
C THR A 148 11.18 -14.64 -6.69
N PHE A 149 11.57 -13.38 -6.37
CA PHE A 149 11.12 -12.23 -7.13
C PHE A 149 11.64 -12.28 -8.62
N GLN A 150 12.88 -12.78 -8.82
CA GLN A 150 13.39 -12.90 -10.15
C GLN A 150 12.52 -13.93 -10.95
N ALA A 151 12.16 -15.06 -10.32
CA ALA A 151 11.24 -16.02 -10.98
C ALA A 151 9.86 -15.45 -11.25
N PHE A 152 9.37 -14.61 -10.36
CA PHE A 152 8.07 -13.98 -10.54
C PHE A 152 8.05 -13.13 -11.81
N ARG A 153 9.20 -12.50 -12.10
CA ARG A 153 9.39 -11.62 -13.22
C ARG A 153 9.77 -12.36 -14.49
N THR A 154 9.16 -13.50 -14.58
CA THR A 154 8.98 -14.17 -15.90
C THR A 154 7.54 -14.58 -16.25
N THR A 155 7.38 -14.89 -17.56
CA THR A 155 5.99 -15.20 -17.93
C THR A 155 5.66 -16.64 -17.58
N ASP A 156 6.45 -17.60 -18.10
CA ASP A 156 6.02 -18.92 -17.90
C ASP A 156 6.17 -19.32 -16.43
N VAL A 157 7.35 -19.18 -15.87
CA VAL A 157 7.60 -19.66 -14.53
C VAL A 157 6.79 -18.75 -13.53
N GLY A 158 6.86 -17.44 -13.72
CA GLY A 158 6.20 -16.49 -12.73
C GLY A 158 4.71 -16.68 -12.67
N ARG A 159 4.02 -16.88 -13.81
CA ARG A 159 2.60 -17.13 -13.83
C ARG A 159 2.28 -18.45 -13.27
N LYS A 160 3.12 -19.42 -13.52
CA LYS A 160 2.88 -20.68 -12.88
C LYS A 160 2.87 -20.60 -11.39
N LEU A 161 3.90 -20.01 -10.89
CA LEU A 161 3.95 -19.75 -9.46
C LEU A 161 2.80 -18.89 -8.84
N ILE A 162 2.56 -17.74 -9.42
CA ILE A 162 1.60 -16.75 -8.81
C ILE A 162 0.15 -17.16 -9.15
N ILE A 163 -0.14 -17.32 -10.40
CA ILE A 163 -1.45 -17.70 -10.88
C ILE A 163 -1.85 -19.15 -10.66
N ASP A 164 -1.06 -20.08 -11.14
CA ASP A 164 -1.50 -21.46 -11.02
C ASP A 164 -1.33 -21.99 -9.58
N GLN A 165 -0.22 -21.74 -8.93
CA GLN A 165 0.02 -22.31 -7.54
C GLN A 165 -0.28 -21.36 -6.37
N ASN A 166 -0.66 -20.16 -6.66
CA ASN A 166 -1.01 -19.15 -5.70
C ASN A 166 0.17 -18.83 -4.66
N VAL A 167 1.39 -18.78 -5.17
CA VAL A 167 2.57 -18.65 -4.26
C VAL A 167 2.58 -17.21 -3.62
N PHE A 168 2.13 -16.18 -4.26
CA PHE A 168 2.18 -14.85 -3.67
C PHE A 168 1.33 -14.86 -2.39
N ILE A 169 0.17 -15.54 -2.42
CA ILE A 169 -0.69 -15.61 -1.19
C ILE A 169 -0.12 -16.62 -0.20
N GLU A 170 0.20 -17.83 -0.66
CA GLU A 170 0.56 -18.89 0.23
C GLU A 170 1.99 -18.77 0.79
N GLY A 171 2.92 -18.19 0.04
CA GLY A 171 4.29 -18.09 0.37
C GLY A 171 4.82 -16.71 0.64
N THR A 172 4.62 -15.75 -0.28
CA THR A 172 5.20 -14.48 -0.15
C THR A 172 4.58 -13.65 0.94
N LEU A 173 3.26 -13.68 1.00
CA LEU A 173 2.51 -12.93 2.01
C LEU A 173 2.93 -13.30 3.51
N PRO A 174 2.93 -14.58 3.86
CA PRO A 174 3.46 -14.91 5.22
C PRO A 174 4.94 -14.62 5.38
N MET A 175 5.74 -14.62 4.32
CA MET A 175 7.09 -14.22 4.40
C MET A 175 7.35 -12.75 4.43
N GLY A 176 6.27 -11.98 4.36
CA GLY A 176 6.31 -10.56 4.55
C GLY A 176 5.83 -10.08 5.89
N VAL A 177 5.70 -11.01 6.85
CA VAL A 177 5.28 -10.69 8.21
C VAL A 177 6.17 -11.49 9.17
N VAL A 178 6.64 -10.88 10.26
CA VAL A 178 7.50 -11.62 11.17
C VAL A 178 6.66 -12.61 12.02
N ARG A 179 5.56 -12.19 12.61
CA ARG A 179 4.73 -13.10 13.34
C ARG A 179 3.97 -14.10 12.46
N PRO A 180 3.53 -15.25 12.99
CA PRO A 180 2.79 -16.12 12.10
C PRO A 180 1.40 -15.52 11.86
N LEU A 181 0.92 -15.55 10.62
CA LEU A 181 -0.48 -15.22 10.43
C LEU A 181 -1.33 -16.41 10.86
N THR A 182 -2.45 -16.15 11.43
CA THR A 182 -3.36 -17.23 11.81
C THR A 182 -4.15 -17.79 10.67
N GLU A 183 -4.75 -18.95 10.86
CA GLU A 183 -5.59 -19.50 9.70
C GLU A 183 -6.74 -18.54 9.31
N VAL A 184 -7.41 -17.87 10.27
CA VAL A 184 -8.47 -16.85 9.91
C VAL A 184 -7.91 -15.76 9.03
N GLU A 185 -6.74 -15.23 9.42
CA GLU A 185 -6.09 -14.20 8.68
C GLU A 185 -5.77 -14.68 7.28
N MET A 186 -5.10 -15.79 7.18
CA MET A 186 -4.78 -16.33 5.90
C MET A 186 -6.03 -16.54 5.03
N ASP A 187 -7.10 -17.10 5.59
CA ASP A 187 -8.33 -17.21 4.82
C ASP A 187 -8.94 -15.94 4.38
N HIS A 188 -8.82 -14.87 5.18
CA HIS A 188 -9.30 -13.62 4.74
C HIS A 188 -8.39 -12.97 3.64
N TYR A 189 -7.12 -13.23 3.62
CA TYR A 189 -6.32 -12.79 2.53
C TYR A 189 -6.49 -13.68 1.24
N ARG A 190 -6.78 -14.98 1.46
CA ARG A 190 -7.10 -15.92 0.39
C ARG A 190 -8.37 -15.56 -0.38
N GLU A 191 -9.42 -15.09 0.36
CA GLU A 191 -10.78 -15.00 -0.13
C GLU A 191 -10.95 -14.35 -1.54
N PRO A 192 -10.24 -13.27 -1.85
CA PRO A 192 -10.46 -12.62 -3.14
C PRO A 192 -9.92 -13.37 -4.31
N PHE A 193 -9.04 -14.32 -4.01
CA PHE A 193 -8.20 -15.03 -5.00
C PHE A 193 -8.44 -16.57 -5.06
N LEU A 194 -9.61 -17.09 -4.59
CA LEU A 194 -10.05 -18.47 -4.68
C LEU A 194 -10.10 -18.95 -6.10
N ASN A 195 -10.44 -18.07 -7.03
CA ASN A 195 -10.51 -18.42 -8.44
C ASN A 195 -9.14 -18.05 -9.11
N PRO A 196 -8.39 -19.03 -9.67
CA PRO A 196 -7.11 -18.79 -10.20
C PRO A 196 -7.10 -17.66 -11.27
N VAL A 197 -8.15 -17.56 -12.03
CA VAL A 197 -8.25 -16.44 -12.99
C VAL A 197 -8.24 -15.00 -12.41
N ASP A 198 -8.56 -14.84 -11.13
CA ASP A 198 -8.63 -13.55 -10.50
C ASP A 198 -7.30 -13.15 -9.96
N ARG A 199 -6.27 -13.98 -10.22
CA ARG A 199 -4.93 -13.68 -9.70
C ARG A 199 -4.04 -12.85 -10.56
N GLU A 200 -4.58 -12.31 -11.68
CA GLU A 200 -3.78 -11.50 -12.54
C GLU A 200 -3.03 -10.34 -11.80
N PRO A 201 -3.71 -9.55 -10.89
CA PRO A 201 -2.98 -8.45 -10.30
C PRO A 201 -1.77 -8.92 -9.48
N LEU A 202 -1.86 -10.08 -8.89
CA LEU A 202 -0.83 -10.60 -7.99
C LEU A 202 0.42 -10.84 -8.77
N TRP A 203 0.29 -11.18 -10.04
CA TRP A 203 1.45 -11.38 -10.93
C TRP A 203 1.92 -10.07 -11.64
N ARG A 204 0.99 -9.25 -12.09
CA ARG A 204 1.42 -8.03 -12.80
C ARG A 204 2.16 -7.08 -11.82
N PHE A 205 1.70 -7.02 -10.59
CA PHE A 205 2.39 -6.18 -9.58
C PHE A 205 3.88 -6.40 -9.45
N PRO A 206 4.34 -7.64 -9.23
CA PRO A 206 5.76 -7.70 -9.09
C PRO A 206 6.52 -7.48 -10.36
N ASN A 207 5.86 -7.75 -11.48
CA ASN A 207 6.37 -7.37 -12.79
C ASN A 207 6.42 -5.86 -13.12
N GLU A 208 5.73 -5.06 -12.34
CA GLU A 208 5.75 -3.63 -12.40
C GLU A 208 6.82 -3.03 -11.51
N LEU A 209 7.41 -3.80 -10.54
CA LEU A 209 8.37 -3.22 -9.60
C LEU A 209 9.51 -2.58 -10.32
N PRO A 210 9.86 -1.37 -9.93
CA PRO A 210 11.00 -0.69 -10.64
C PRO A 210 12.34 -1.17 -10.12
N ILE A 211 12.85 -2.22 -10.73
CA ILE A 211 14.03 -2.93 -10.28
C ILE A 211 15.08 -2.98 -11.44
N ALA A 212 16.31 -2.49 -11.20
CA ALA A 212 17.37 -2.54 -12.22
C ALA A 212 16.91 -1.91 -13.53
N GLY A 213 16.14 -0.82 -13.48
CA GLY A 213 15.86 -0.08 -14.65
C GLY A 213 14.61 -0.52 -15.34
N GLU A 214 13.91 -1.52 -14.82
CA GLU A 214 12.81 -2.16 -15.61
C GLU A 214 11.62 -2.42 -14.72
N PRO A 215 10.38 -2.16 -15.16
CA PRO A 215 10.01 -1.54 -16.44
C PRO A 215 10.23 -0.03 -16.47
N ALA A 216 10.84 0.43 -17.60
CA ALA A 216 11.36 1.78 -17.70
C ALA A 216 10.26 2.80 -17.43
N ASN A 217 9.05 2.51 -17.83
CA ASN A 217 7.97 3.51 -17.60
C ASN A 217 7.66 3.70 -16.13
N ILE A 218 7.75 2.63 -15.37
CA ILE A 218 7.48 2.66 -13.93
C ILE A 218 8.63 3.31 -13.20
N VAL A 219 9.85 2.95 -13.56
CA VAL A 219 11.01 3.60 -13.03
C VAL A 219 10.88 5.13 -13.15
N ALA A 220 10.59 5.62 -14.34
CA ALA A 220 10.45 7.01 -14.57
C ALA A 220 9.39 7.72 -13.69
N LEU A 221 8.19 7.15 -13.61
CA LEU A 221 7.10 7.69 -12.86
C LEU A 221 7.43 7.75 -11.33
N VAL A 222 8.10 6.69 -10.87
CA VAL A 222 8.48 6.61 -9.49
C VAL A 222 9.59 7.63 -9.17
N GLU A 223 10.58 7.73 -10.05
CA GLU A 223 11.58 8.76 -9.86
C GLU A 223 10.93 10.13 -9.82
N GLU A 224 9.90 10.35 -10.66
CA GLU A 224 9.25 11.65 -10.70
C GLU A 224 8.54 11.96 -9.40
N TYR A 225 7.79 11.03 -8.86
CA TYR A 225 7.17 11.35 -7.55
C TYR A 225 8.22 11.39 -6.39
N MET A 226 9.31 10.62 -6.41
CA MET A 226 10.37 10.75 -5.39
C MET A 226 11.01 12.16 -5.45
N ASP A 227 11.26 12.68 -6.66
CA ASP A 227 11.72 14.05 -6.78
C ASP A 227 10.73 15.02 -6.21
N TRP A 228 9.45 14.84 -6.48
CA TRP A 228 8.40 15.75 -5.97
C TRP A 228 8.44 15.74 -4.45
N LEU A 229 8.41 14.51 -3.94
CA LEU A 229 8.47 14.29 -2.48
C LEU A 229 9.67 14.99 -1.72
N HIS A 230 10.85 14.93 -2.33
CA HIS A 230 12.11 15.47 -1.80
C HIS A 230 12.06 17.02 -1.73
N GLN A 231 11.20 17.63 -2.56
CA GLN A 231 10.98 19.07 -2.76
C GLN A 231 9.72 19.59 -2.04
N SER A 232 8.80 18.73 -1.59
CA SER A 232 7.50 19.15 -1.01
C SER A 232 7.60 19.45 0.49
N PRO A 233 6.96 20.54 0.98
CA PRO A 233 6.97 20.76 2.44
C PRO A 233 5.84 19.95 3.18
N VAL A 234 5.09 19.13 2.43
CA VAL A 234 3.99 18.47 3.03
C VAL A 234 4.50 17.62 4.31
N PRO A 235 3.76 17.65 5.44
CA PRO A 235 4.12 16.82 6.54
C PRO A 235 4.15 15.32 6.18
N LYS A 236 5.19 14.64 6.68
CA LYS A 236 5.41 13.27 6.27
C LYS A 236 5.71 12.45 7.54
N LEU A 237 5.20 11.20 7.57
CA LEU A 237 5.40 10.26 8.66
C LEU A 237 5.79 8.93 8.07
N LEU A 238 6.99 8.48 8.34
CA LEU A 238 7.57 7.25 7.78
C LEU A 238 7.71 6.18 8.81
N PHE A 239 7.04 5.03 8.61
CA PHE A 239 7.20 3.87 9.51
C PHE A 239 8.16 2.96 8.84
N TRP A 240 9.05 2.36 9.63
CA TRP A 240 9.96 1.39 9.11
C TRP A 240 10.25 0.32 10.08
N GLY A 241 10.75 -0.83 9.57
CA GLY A 241 10.97 -2.00 10.46
C GLY A 241 12.32 -2.60 10.15
N THR A 242 12.75 -3.55 10.98
CA THR A 242 14.03 -4.25 10.69
C THR A 242 13.72 -5.73 10.48
N PRO A 243 14.20 -6.33 9.41
CA PRO A 243 15.06 -5.79 8.36
C PRO A 243 14.36 -5.04 7.24
N GLY A 244 13.01 -5.00 7.22
CA GLY A 244 12.33 -4.44 6.07
C GLY A 244 12.34 -5.39 4.86
N VAL A 245 11.77 -4.89 3.78
CA VAL A 245 11.83 -5.50 2.42
C VAL A 245 12.14 -4.44 1.36
N LEU A 246 11.19 -3.58 1.05
CA LEU A 246 11.40 -2.46 0.15
C LEU A 246 12.28 -1.33 0.74
N ILE A 247 12.22 -1.17 2.04
CA ILE A 247 12.89 -0.06 2.68
C ILE A 247 13.77 -0.60 3.84
N PRO A 248 15.01 -0.92 3.57
CA PRO A 248 15.90 -1.34 4.70
C PRO A 248 16.15 -0.14 5.69
N PRO A 249 16.52 -0.44 6.92
CA PRO A 249 16.77 0.66 7.89
C PRO A 249 17.67 1.81 7.43
N ALA A 250 18.72 1.53 6.66
CA ALA A 250 19.67 2.55 6.27
C ALA A 250 18.96 3.51 5.34
N GLU A 251 18.02 3.00 4.53
CA GLU A 251 17.32 3.84 3.60
C GLU A 251 16.32 4.71 4.36
N ALA A 252 15.67 4.14 5.38
CA ALA A 252 14.71 4.82 6.22
C ALA A 252 15.42 6.00 6.90
N ALA A 253 16.62 5.74 7.38
CA ALA A 253 17.39 6.79 8.04
C ALA A 253 17.76 7.92 7.05
N ARG A 254 18.11 7.61 5.81
CA ARG A 254 18.42 8.63 4.81
C ARG A 254 17.23 9.50 4.38
N LEU A 255 16.10 8.84 4.19
CA LEU A 255 14.89 9.53 3.87
C LEU A 255 14.33 10.31 4.97
N ALA A 256 14.55 9.91 6.22
CA ALA A 256 14.06 10.74 7.33
C ALA A 256 14.74 12.10 7.41
N LYS A 257 15.97 12.20 6.89
CA LYS A 257 16.69 13.45 6.84
C LYS A 257 16.51 14.15 5.45
N SER A 258 16.31 13.42 4.36
CA SER A 258 16.35 14.03 3.05
C SER A 258 15.00 14.62 2.70
N LEU A 259 13.93 14.00 3.21
CA LEU A 259 12.61 14.55 3.01
C LEU A 259 12.24 15.64 3.99
N PRO A 260 11.83 16.80 3.47
CA PRO A 260 11.39 17.87 4.39
C PRO A 260 10.21 17.45 5.28
N ASN A 261 10.21 17.98 6.50
CA ASN A 261 9.09 17.85 7.42
CA ASN A 261 9.13 17.80 7.51
C ASN A 261 8.73 16.36 7.64
N CYS A 262 9.77 15.51 7.83
CA CYS A 262 9.56 14.08 7.98
C CYS A 262 9.91 13.53 9.32
N LYS A 263 8.92 12.94 9.95
CA LYS A 263 9.11 12.23 11.19
C LYS A 263 9.19 10.71 10.88
N ALA A 264 10.12 10.01 11.48
CA ALA A 264 10.28 8.62 11.24
C ALA A 264 10.18 7.83 12.46
N VAL A 265 9.47 6.70 12.40
CA VAL A 265 9.12 5.87 13.55
C VAL A 265 9.49 4.37 13.31
N ASP A 266 10.30 3.84 14.19
CA ASP A 266 10.83 2.45 14.08
C ASP A 266 9.79 1.57 14.70
N ILE A 267 9.24 0.56 14.01
CA ILE A 267 8.22 -0.31 14.56
C ILE A 267 8.65 -1.58 15.30
N GLY A 268 9.94 -1.80 15.28
CA GLY A 268 10.57 -3.01 15.71
C GLY A 268 10.77 -3.95 14.57
N PRO A 269 10.59 -5.23 14.84
CA PRO A 269 10.79 -6.17 13.80
C PRO A 269 9.70 -6.00 12.76
N GLY A 270 10.12 -6.12 11.50
CA GLY A 270 9.14 -5.89 10.39
C GLY A 270 9.79 -6.31 9.10
N LEU A 271 8.95 -6.77 8.16
CA LEU A 271 9.40 -7.10 6.82
C LEU A 271 8.66 -6.20 5.88
N ASN A 272 7.54 -6.65 5.29
CA ASN A 272 6.77 -5.78 4.37
C ASN A 272 5.45 -5.33 5.01
N LEU A 273 4.67 -6.26 5.54
CA LEU A 273 3.36 -5.95 6.06
C LEU A 273 3.54 -5.45 7.60
N LEU A 274 4.08 -4.25 7.75
CA LEU A 274 4.40 -3.68 9.04
C LEU A 274 3.13 -3.62 9.87
N GLN A 275 2.01 -3.36 9.21
CA GLN A 275 0.70 -3.33 9.89
C GLN A 275 0.38 -4.58 10.64
N GLU A 276 0.92 -5.71 10.17
CA GLU A 276 0.61 -6.95 10.79
C GLU A 276 1.58 -7.29 11.90
N ASP A 277 2.71 -6.67 11.97
CA ASP A 277 3.64 -6.84 13.11
C ASP A 277 3.39 -5.87 14.25
N ASN A 278 3.03 -4.62 14.01
CA ASN A 278 2.86 -3.65 15.16
C ASN A 278 1.78 -2.69 14.80
N PRO A 279 0.51 -3.21 14.69
CA PRO A 279 -0.59 -2.26 14.33
C PRO A 279 -0.88 -1.22 15.47
N ASP A 280 -0.71 -1.62 16.70
CA ASP A 280 -0.89 -0.65 17.85
C ASP A 280 -0.02 0.58 17.72
N LEU A 281 1.26 0.36 17.46
CA LEU A 281 2.14 1.47 17.33
C LEU A 281 1.80 2.30 16.12
N ILE A 282 1.56 1.62 14.99
CA ILE A 282 1.24 2.37 13.83
C ILE A 282 -0.06 3.18 13.95
N GLY A 283 -1.17 2.58 14.38
CA GLY A 283 -2.37 3.35 14.60
C GLY A 283 -2.28 4.49 15.66
N SER A 284 -1.58 4.25 16.73
CA SER A 284 -1.38 5.25 17.75
C SER A 284 -0.58 6.39 17.22
N GLU A 285 0.53 6.10 16.50
CA GLU A 285 1.40 7.18 16.07
C GLU A 285 0.71 7.98 14.97
N ILE A 286 -0.05 7.31 14.10
CA ILE A 286 -0.84 8.09 13.06
C ILE A 286 -1.85 8.99 13.74
N ALA A 287 -2.61 8.46 14.76
CA ALA A 287 -3.62 9.31 15.37
C ALA A 287 -2.96 10.53 15.99
N ARG A 288 -1.84 10.31 16.65
CA ARG A 288 -1.18 11.41 17.37
C ARG A 288 -0.57 12.45 16.42
N TRP A 289 0.01 11.93 15.33
CA TRP A 289 0.62 12.79 14.30
C TRP A 289 -0.47 13.61 13.64
N LEU A 290 -1.64 13.01 13.38
CA LEU A 290 -2.71 13.77 12.81
C LEU A 290 -3.10 14.92 13.67
N SER A 291 -3.02 14.77 14.98
CA SER A 291 -3.33 15.88 15.83
C SER A 291 -2.32 17.04 15.59
N THR A 292 -1.07 16.71 15.47
CA THR A 292 0.00 17.67 15.34
C THR A 292 -0.04 18.45 14.01
N LEU A 293 -0.79 17.97 13.02
CA LEU A 293 -0.91 18.71 11.72
C LEU A 293 -1.71 20.01 11.99
N GLU A 294 -2.44 20.06 13.08
CA GLU A 294 -3.14 21.33 13.49
C GLU A 294 -2.38 22.24 14.43
N ILE A 295 -1.11 21.96 14.71
CA ILE A 295 -0.34 22.69 15.69
C ILE A 295 0.79 23.49 15.01
#